data_1AXU
#
_entry.id   1AXU
#
_cell.length_a   1.000
_cell.length_b   1.000
_cell.length_c   1.000
_cell.angle_alpha   90.00
_cell.angle_beta   90.00
_cell.angle_gamma   90.00
#
_symmetry.space_group_name_H-M   'P 1'
#
loop_
_entity.id
_entity.type
_entity.pdbx_description
1 polymer 'DNA DUPLEX D(CCATC-[AP]G-CTACC)D(GGTAGAGATGG)'
2 polymer 'DNA DUPLEX D(CCATC-[AP]G-CTACC)D(GGTAGAGATGG)'
3 non-polymer N-1-AMINOPYRENE
#
loop_
_entity_poly.entity_id
_entity_poly.type
_entity_poly.pdbx_seq_one_letter_code
_entity_poly.pdbx_strand_id
1 'polydeoxyribonucleotide' (DC)(DC)(DA)(DT)(DC)(DG)(DC)(DT)(DA)(DC)(DC) A
2 'polydeoxyribonucleotide' (DG)(DG)(DT)(DA)(DG)(DA)(DG)(DA)(DT)(DG)(DG) B
#
loop_
_chem_comp.id
_chem_comp.type
_chem_comp.name
_chem_comp.formula
AP non-polymer N-1-AMINOPYRENE 'C16 H11 N'
DA DNA linking 2'-DEOXYADENOSINE-5'-MONOPHOSPHATE 'C10 H14 N5 O6 P'
DC DNA linking 2'-DEOXYCYTIDINE-5'-MONOPHOSPHATE 'C9 H14 N3 O7 P'
DG DNA linking 2'-DEOXYGUANOSINE-5'-MONOPHOSPHATE 'C10 H14 N5 O7 P'
DT DNA linking THYMIDINE-5'-MONOPHOSPHATE 'C10 H15 N2 O8 P'
#
# COMPACT_ATOMS: atom_id res chain seq x y z
N1 AP C . 0.43 2.68 -2.78
C1 AP C . 0.78 1.99 -1.51
C2 AP C . 1.96 2.34 -0.77
C3 AP C . 2.31 1.61 0.50
C3A AP C . 1.41 0.54 0.96
C4 AP C . 1.67 -0.20 2.17
C5 AP C . 0.77 -1.29 2.60
C5A AP C . -0.40 -1.61 1.81
C6 AP C . -1.33 -2.68 2.18
C7 AP C . -2.47 -2.97 1.39
C8 AP C . -2.73 -2.21 0.22
C8A AP C . -1.83 -1.18 -0.19
C9 AP C . -2.13 -0.45 -1.37
C10 AP C . -1.25 0.57 -1.81
C1A AP C . -0.09 0.94 -1.04
C11 AP C . 0.22 0.21 0.18
C12 AP C . -0.67 -0.85 0.61
HN1 AP C . -0.54 2.89 -2.93
H2 AP C . 2.48 3.10 -1.20
H3 AP C . 3.10 1.78 1.08
H4 AP C . 2.50 0.04 2.69
H5 AP C . 0.92 -1.82 3.44
H6 AP C . -1.23 -3.24 2.99
H7 AP C . -3.09 -3.70 1.66
H8 AP C . -3.52 -2.46 -0.35
H9 AP C . -2.93 -0.63 -1.93
H10 AP C . -1.53 1.04 -2.65
N1 AP C . 0.54 2.80 -3.38
C1 AP C . 1.01 2.20 -2.12
C2 AP C . 2.19 2.68 -1.48
C3 AP C . 2.63 2.07 -0.18
C3A AP C . 1.82 0.99 0.42
C4 AP C . 2.19 0.36 1.67
C5 AP C . 1.36 -0.72 2.25
C5A AP C . 0.14 -1.16 1.56
C6 AP C . -0.71 -2.22 2.09
C7 AP C . -1.89 -2.62 1.37
C8 AP C . -2.25 -1.99 0.16
C8A AP C . -1.42 -0.94 -0.39
C9 AP C . -1.80 -0.35 -1.62
C10 AP C . -1.01 0.67 -2.18
C1A AP C . 0.21 1.14 -1.52
C11 AP C . 0.59 0.54 -0.27
C12 AP C . -0.22 -0.51 0.31
HN1 AP C . -0.44 2.88 -3.51
H2 AP C . 2.65 3.39 -2.02
H3 AP C . 3.44 2.32 0.35
H4 AP C . 3.02 0.70 2.12
H5 AP C . 1.59 -1.15 3.11
H6 AP C . -0.55 -2.70 2.94
H7 AP C . -2.50 -3.33 1.72
H8 AP C . -3.07 -2.32 -0.31
H9 AP C . -2.62 -0.64 -2.12
H10 AP C . -1.34 1.07 -3.04
N1 AP C . 0.59 2.87 -3.36
C1 AP C . 1.06 2.23 -2.10
C2 AP C . 2.27 2.67 -1.49
C3 AP C . 2.72 2.03 -0.19
C3A AP C . 1.91 0.98 0.42
C4 AP C . 2.29 0.35 1.69
C5 AP C . 1.45 -0.72 2.29
C5A AP C . 0.23 -1.13 1.61
C6 AP C . -0.68 -2.15 2.15
C7 AP C . -1.87 -2.52 1.46
C8 AP C . -2.21 -1.90 0.24
C8A AP C . -1.36 -0.88 -0.32
C9 AP C . -1.75 -0.26 -1.54
C10 AP C . -0.94 0.75 -2.12
C1A AP C . 0.28 1.18 -1.48
C11 AP C . 0.68 0.56 -0.23
C12 AP C . -0.15 -0.49 0.36
HN1 AP C . -0.39 2.94 -3.48
H2 AP C . 2.70 3.39 -2.02
H3 AP C . 3.55 2.29 0.31
H4 AP C . 3.15 0.65 2.12
H5 AP C . 1.68 -1.19 3.15
H6 AP C . -0.52 -2.67 2.99
H7 AP C . -2.48 -3.22 1.82
H8 AP C . -3.05 -2.19 -0.20
H9 AP C . -2.58 -0.53 -2.03
H10 AP C . -1.26 1.15 -2.97
N1 AP C . 0.66 2.54 -3.29
C1 AP C . 1.04 1.91 -2.00
C2 AP C . 2.26 2.23 -1.36
C3 AP C . 2.65 1.55 -0.07
C3A AP C . 1.74 0.57 0.52
C4 AP C . 2.07 -0.12 1.77
C5 AP C . 1.13 -1.12 2.34
C5A AP C . -0.10 -1.41 1.64
C6 AP C . -1.06 -2.38 2.15
C7 AP C . -2.28 -2.64 1.46
C8 AP C . -2.55 -1.97 0.26
C8A AP C . -1.64 -1.01 -0.27
C9 AP C . -1.98 -0.37 -1.47
C10 AP C . -1.12 0.60 -2.04
C1A AP C . 0.15 0.92 -1.41
C11 AP C . 0.50 0.26 -0.15
C12 AP C . -0.41 -0.72 0.41
HN1 AP C . -0.32 2.57 -3.48
H2 AP C . 2.78 2.93 -1.87
H3 AP C . 3.48 1.72 0.45
H4 AP C . 2.94 0.09 2.22
H5 AP C . 1.30 -1.61 3.18
H6 AP C . -0.94 -2.90 3.00
H7 AP C . -2.93 -3.32 1.79
H8 AP C . -3.40 -2.18 -0.24
H9 AP C . -2.85 -0.58 -1.94
H10 AP C . -1.42 1.02 -2.90
N1 AP C . 0.76 2.69 -3.06
C1 AP C . 1.14 2.05 -1.77
C2 AP C . 2.33 2.44 -1.05
C3 AP C . 2.63 1.77 0.27
C3A AP C . 1.72 0.75 0.77
C4 AP C . 1.96 0.10 2.05
C5 AP C . 0.99 -0.91 2.54
C5A AP C . -0.18 -1.24 1.76
C6 AP C . -1.16 -2.22 2.22
C7 AP C . -2.31 -2.52 1.41
C8 AP C . -2.50 -1.88 0.19
C8A AP C . -1.56 -0.92 -0.28
C9 AP C . -1.81 -0.29 -1.51
C10 AP C . -0.92 0.68 -1.99
C1A AP C . 0.26 1.04 -1.25
C11 AP C . 0.54 0.40 0.01
C12 AP C . -0.39 -0.60 0.50
HN1 AP C . -0.22 2.74 -3.25
H2 AP C . 2.86 3.14 -1.52
H3 AP C . 3.43 1.95 0.85
H4 AP C . 2.78 0.36 2.57
H5 AP C . 1.15 -1.38 3.42
H6 AP C . -1.11 -2.70 3.08
H7 AP C . -3.00 -3.18 1.71
H8 AP C . -3.31 -2.11 -0.36
H9 AP C . -2.61 -0.52 -2.06
H10 AP C . -1.17 1.07 -2.88
N1 AP C . 0.44 2.89 -3.16
C1 AP C . 0.93 2.18 -1.94
C2 AP C . 2.19 2.54 -1.36
C3 AP C . 2.64 1.83 -0.10
C3A AP C . 1.80 0.80 0.49
C4 AP C . 2.17 0.11 1.72
C5 AP C . 1.27 -0.92 2.30
C5A AP C . 0.01 -1.22 1.66
C6 AP C . -0.93 -2.20 2.18
C7 AP C . -2.16 -2.47 1.51
C8 AP C . -2.50 -1.78 0.34
C8A AP C . -1.61 -0.82 -0.20
C9 AP C . -1.99 -0.14 -1.38
C10 AP C . -1.17 0.84 -1.95
C1A AP C . 0.10 1.18 -1.34
C11 AP C . 0.53 0.48 -0.13
C12 AP C . -0.36 -0.52 0.44
HN1 AP C . -0.54 3.08 -3.22
H2 AP C . 2.66 3.25 -1.88
H3 AP C . 3.51 2.00 0.39
H4 AP C . 3.04 0.34 2.15
H5 AP C . 1.49 -1.42 3.14
H6 AP C . -0.77 -2.74 3.01
H7 AP C . -2.80 -3.14 1.87
H8 AP C . -3.37 -1.99 -0.11
H9 AP C . -2.86 -0.34 -1.83
H10 AP C . -1.51 1.28 -2.78
N1 AP C . 0.41 3.38 -2.62
C1 AP C . 0.85 2.50 -1.50
C2 AP C . 2.10 2.75 -0.87
C3 AP C . 2.55 1.88 0.28
C3A AP C . 1.68 0.78 0.73
C4 AP C . 2.06 -0.10 1.82
C5 AP C . 1.17 -1.18 2.25
C5A AP C . -0.09 -1.40 1.58
C6 AP C . -1.02 -2.46 1.96
C7 AP C . -2.24 -2.65 1.28
C8 AP C . -2.60 -1.80 0.22
C8A AP C . -1.72 -0.75 -0.19
C9 AP C . -2.10 0.09 -1.27
C10 AP C . -1.27 1.14 -1.69
C1A AP C . -0.01 1.41 -1.06
C11 AP C . 0.42 0.55 0.05
C12 AP C . -0.47 -0.54 0.48
HN1 AP C . -0.50 3.79 -2.61
H2 AP C . 2.57 3.54 -1.27
H3 AP C . 3.40 1.97 0.78
H4 AP C . 2.94 0.08 2.28
H5 AP C . 1.39 -1.82 2.98
H6 AP C . -0.84 -3.10 2.70
H7 AP C . -2.85 -3.40 1.57
H8 AP C . -3.48 -1.96 -0.24
H9 AP C . -2.97 -0.05 -1.75
H10 AP C . -1.62 1.69 -2.45
N1 AP C . 0.56 2.61 -3.24
C1 AP C . 0.91 1.86 -1.99
C2 AP C . 2.14 2.15 -1.32
C3 AP C . 2.47 1.41 -0.03
C3A AP C . 1.53 0.42 0.50
C4 AP C . 1.79 -0.32 1.74
C5 AP C . 0.82 -1.32 2.22
C5A AP C . -0.42 -1.56 1.52
C6 AP C . -1.42 -2.53 1.99
C7 AP C . -2.61 -2.76 1.26
C8 AP C . -2.84 -2.04 0.07
C8A AP C . -1.89 -1.09 -0.42
C9 AP C . -2.18 -0.39 -1.62
C10 AP C . -1.27 0.58 -2.13
C1A AP C . -0.02 0.87 -1.45
C11 AP C . 0.29 0.16 -0.21
C12 AP C . -0.67 -0.84 0.31
HN1 AP C . -0.42 2.67 -3.43
H2 AP C . 2.70 2.81 -1.82
H3 AP C . 3.30 1.55 0.53
H4 AP C . 2.64 -0.13 2.22
H5 AP C . 0.97 -1.86 3.05
H6 AP C . -1.34 -3.07 2.83
H7 AP C . -3.28 -3.42 1.59
H8 AP C . -3.67 -2.24 -0.46
H9 AP C . -3.03 -0.57 -2.12
H10 AP C . -1.55 1.06 -2.96
N1 AP C . 0.58 2.80 -3.10
C1 AP C . 1.13 2.08 -1.91
C2 AP C . 2.44 2.36 -1.39
C3 AP C . 2.95 1.61 -0.18
C3A AP C . 2.09 0.60 0.45
C4 AP C . 2.51 -0.15 1.62
C5 AP C . 1.61 -1.17 2.21
C5A AP C . 0.30 -1.42 1.63
C6 AP C . -0.66 -2.38 2.17
C7 AP C . -1.93 -2.57 1.55
C8 AP C . -2.30 -1.82 0.43
C8A AP C . -1.40 -0.86 -0.10
C9 AP C . -1.83 -0.13 -1.24
C10 AP C . -0.99 0.82 -1.83
C1A AP C . 0.32 1.09 -1.29
C11 AP C . 0.77 0.36 -0.12
C12 AP C . -0.11 -0.63 0.47
HN1 AP C . -0.41 2.95 -3.16
H2 AP C . 2.93 3.07 -1.92
H3 AP C . 3.84 1.72 0.27
H4 AP C . 3.42 0.04 2.00
H5 AP C . 1.86 -1.73 3.00
H6 AP C . -0.48 -2.95 2.97
H7 AP C . -2.59 -3.23 1.91
H8 AP C . -3.19 -1.97 0.02
H9 AP C . -2.73 -0.29 -1.65
H10 AP C . -1.35 1.30 -2.63
#